data_5RP6
#
_entry.id   5RP6
#
_cell.length_a   68.080
_cell.length_b   68.080
_cell.length_c   102.560
_cell.angle_alpha   90.000
_cell.angle_beta   90.000
_cell.angle_gamma   90.000
#
_symmetry.space_group_name_H-M   'P 43 21 2'
#
loop_
_entity.id
_entity.type
_entity.pdbx_description
1 polymer 'Proteinase K'
2 non-polymer 'SULFATE ION'
3 non-polymer 4-methyl-5-(1-methyl-1H-imidazol-2-yl)-1,3-thiazol-2-amine
4 water water
#
_entity_poly.entity_id   1
_entity_poly.type   'polypeptide(L)'
_entity_poly.pdbx_seq_one_letter_code
;AAQTNAPWGLARISSTSPGTSTYYYDESAGQGSCVYVIDTGIEASHPEFEGRAQMVKTYYYSSRDGNGHGTHCAGTVGSR
TYGVAKKTQLFGVKVLDDNGSGQYSTIIAGMDFVASDKNNRNCPKGVVASLSLGGGYSSSVNSAAARLQSSGVMVAVAAG
NNNADARNYSPASEPSVCTVGASDRYDRRSSFSNYGSVLDIFGPGTDILSTWIGGSTRSISGTSMATPHVAGLAAYLMTL
GKTTAASACRYIADTANKGDLSNIPFGTVNLLAYNNYQA
;
_entity_poly.pdbx_strand_id   A
#
# COMPACT_ATOMS: atom_id res chain seq x y z
N ALA A 1 -10.99 0.47 -18.69
CA ALA A 1 -11.98 -0.37 -18.03
C ALA A 1 -12.69 0.45 -16.96
N ALA A 2 -13.94 0.08 -16.67
CA ALA A 2 -14.77 0.78 -15.68
C ALA A 2 -15.36 -0.26 -14.74
N GLN A 3 -15.14 -0.08 -13.44
CA GLN A 3 -15.77 -0.88 -12.40
C GLN A 3 -16.83 -0.04 -11.73
N THR A 4 -18.11 -0.36 -11.96
CA THR A 4 -19.15 0.42 -11.31
C THR A 4 -19.32 0.00 -9.86
N ASN A 5 -19.87 0.92 -9.08
CA ASN A 5 -20.13 0.72 -7.66
C ASN A 5 -18.88 0.22 -6.95
N ALA A 6 -17.76 0.86 -7.25
CA ALA A 6 -16.49 0.52 -6.66
C ALA A 6 -16.38 1.13 -5.27
N PRO A 7 -15.51 0.60 -4.41
CA PRO A 7 -15.23 1.28 -3.14
C PRO A 7 -14.77 2.70 -3.43
N TRP A 8 -15.14 3.62 -2.52
CA TRP A 8 -14.89 5.04 -2.79
C TRP A 8 -13.41 5.32 -3.08
N GLY A 9 -12.51 4.59 -2.42
CA GLY A 9 -11.10 4.89 -2.57
C GLY A 9 -10.58 4.54 -3.96
N LEU A 10 -11.09 3.46 -4.55
CA LEU A 10 -10.73 3.15 -5.93
C LEU A 10 -11.26 4.22 -6.86
N ALA A 11 -12.53 4.60 -6.70
CA ALA A 11 -13.05 5.68 -7.53
C ALA A 11 -12.23 6.95 -7.36
N ARG A 12 -11.81 7.23 -6.13
CA ARG A 12 -11.06 8.47 -5.88
C ARG A 12 -9.74 8.49 -6.63
N ILE A 13 -9.03 7.36 -6.66
CA ILE A 13 -7.72 7.36 -7.29
C ILE A 13 -7.75 7.50 -8.79
N SER A 14 -8.91 7.34 -9.43
CA SER A 14 -9.03 7.59 -10.85
C SER A 14 -9.87 8.82 -11.17
N SER A 15 -10.02 9.74 -10.22
CA SER A 15 -10.90 10.87 -10.40
C SER A 15 -10.22 12.18 -10.06
N THR A 16 -10.60 13.23 -10.81
CA THR A 16 -10.23 14.60 -10.46
C THR A 16 -11.14 15.20 -9.39
N SER A 17 -12.17 14.48 -8.94
CA SER A 17 -13.11 15.01 -7.96
C SER A 17 -13.52 13.92 -6.98
N PRO A 18 -13.80 14.28 -5.74
CA PRO A 18 -14.43 13.34 -4.82
C PRO A 18 -15.90 13.14 -5.20
N GLY A 19 -16.50 12.13 -4.60
CA GLY A 19 -17.93 11.94 -4.71
C GLY A 19 -18.40 11.15 -5.91
N THR A 20 -17.54 10.35 -6.53
CA THR A 20 -17.96 9.45 -7.59
C THR A 20 -17.72 8.02 -7.14
N SER A 21 -18.27 7.06 -7.89
CA SER A 21 -18.25 5.68 -7.43
C SER A 21 -17.84 4.67 -8.50
N THR A 22 -17.28 5.10 -9.61
CA THR A 22 -16.79 4.21 -10.65
C THR A 22 -15.28 4.33 -10.70
N TYR A 23 -14.58 3.20 -10.72
CA TYR A 23 -13.13 3.16 -10.84
C TYR A 23 -12.77 2.91 -12.30
N TYR A 24 -11.92 3.77 -12.86
CA TYR A 24 -11.49 3.67 -14.25
C TYR A 24 -10.00 3.38 -14.29
N TYR A 25 -9.60 2.40 -15.10
CA TYR A 25 -8.19 2.02 -15.11
C TYR A 25 -7.88 1.27 -16.40
N ASP A 26 -6.62 1.33 -16.81
CA ASP A 26 -6.17 0.59 -17.98
C ASP A 26 -6.24 -0.91 -17.71
N GLU A 27 -6.77 -1.66 -18.68
CA GLU A 27 -7.02 -3.09 -18.50
C GLU A 27 -5.77 -3.90 -18.24
N SER A 28 -4.57 -3.37 -18.50
CA SER A 28 -3.36 -4.10 -18.15
C SER A 28 -3.32 -4.44 -16.66
N ALA A 29 -3.85 -3.55 -15.82
CA ALA A 29 -4.22 -3.88 -14.43
C ALA A 29 -3.07 -4.43 -13.60
N GLY A 30 -1.83 -4.00 -13.86
CA GLY A 30 -0.72 -4.52 -13.10
C GLY A 30 -0.26 -5.90 -13.47
N GLN A 31 -0.73 -6.46 -14.58
CA GLN A 31 -0.24 -7.75 -15.05
C GLN A 31 1.28 -7.71 -15.25
N GLY A 32 1.97 -8.74 -14.76
CA GLY A 32 3.40 -8.82 -14.90
C GLY A 32 4.17 -8.15 -13.78
N SER A 33 3.49 -7.46 -12.87
CA SER A 33 4.11 -6.89 -11.68
C SER A 33 3.86 -7.80 -10.50
N CYS A 34 4.56 -7.51 -9.40
CA CYS A 34 4.38 -8.24 -8.16
C CYS A 34 4.36 -7.27 -7.00
N VAL A 35 3.52 -7.55 -6.01
CA VAL A 35 3.46 -6.74 -4.79
C VAL A 35 3.61 -7.65 -3.60
N TYR A 36 4.61 -7.40 -2.77
CA TYR A 36 4.77 -8.07 -1.49
C TYR A 36 3.98 -7.30 -0.44
N VAL A 37 3.20 -8.02 0.34
CA VAL A 37 2.43 -7.45 1.44
C VAL A 37 3.05 -7.99 2.72
N ILE A 38 3.76 -7.12 3.43
CA ILE A 38 4.56 -7.50 4.58
C ILE A 38 3.72 -7.14 5.80
N ASP A 39 3.13 -8.15 6.45
CA ASP A 39 2.00 -7.90 7.35
C ASP A 39 1.69 -9.15 8.18
N THR A 40 0.40 -9.35 8.49
CA THR A 40 -0.04 -10.52 9.26
C THR A 40 -0.28 -11.75 8.40
N GLY A 41 0.03 -11.69 7.10
CA GLY A 41 -0.28 -12.77 6.19
C GLY A 41 -1.39 -12.36 5.22
N ILE A 42 -1.76 -13.32 4.36
CA ILE A 42 -2.83 -13.14 3.38
C ILE A 42 -3.60 -14.45 3.32
N GLU A 43 -4.94 -14.37 3.43
CA GLU A 43 -5.80 -15.51 3.13
C GLU A 43 -5.89 -15.70 1.62
N ALA A 44 -4.90 -16.42 1.09
CA ALA A 44 -4.77 -16.55 -0.35
C ALA A 44 -5.94 -17.32 -0.98
N SER A 45 -6.63 -18.15 -0.21
CA SER A 45 -7.78 -18.88 -0.71
C SER A 45 -9.01 -18.01 -0.93
N HIS A 46 -9.00 -16.75 -0.51
CA HIS A 46 -10.16 -15.91 -0.71
C HIS A 46 -10.49 -15.83 -2.19
N PRO A 47 -11.74 -16.08 -2.60
CA PRO A 47 -12.08 -16.01 -4.02
C PRO A 47 -11.70 -14.69 -4.67
N GLU A 48 -11.66 -13.61 -3.89
CA GLU A 48 -11.30 -12.31 -4.44
C GLU A 48 -9.89 -12.24 -4.99
N PHE A 49 -9.00 -13.16 -4.61
CA PHE A 49 -7.63 -13.13 -5.10
C PHE A 49 -7.41 -13.98 -6.34
N GLU A 50 -8.35 -14.87 -6.67
CA GLU A 50 -8.38 -15.53 -7.97
C GLU A 50 -7.13 -16.37 -8.24
N GLY A 51 -6.48 -16.89 -7.20
CA GLY A 51 -5.27 -17.64 -7.40
C GLY A 51 -4.01 -16.82 -7.58
N ARG A 52 -4.11 -15.49 -7.54
CA ARG A 52 -2.97 -14.62 -7.75
C ARG A 52 -2.23 -14.28 -6.46
N ALA A 53 -2.70 -14.75 -5.31
CA ALA A 53 -2.03 -14.51 -4.04
C ALA A 53 -1.41 -15.79 -3.50
N GLN A 54 -0.30 -15.65 -2.81
CA GLN A 54 0.35 -16.79 -2.16
C GLN A 54 1.18 -16.27 -1.01
N MET A 55 1.30 -17.09 0.02
CA MET A 55 2.24 -16.83 1.10
C MET A 55 3.61 -17.36 0.72
N VAL A 56 4.64 -16.53 0.89
CA VAL A 56 6.00 -16.95 0.58
C VAL A 56 6.90 -17.06 1.80
N LYS A 57 6.51 -16.51 2.94
CA LYS A 57 7.39 -16.52 4.11
C LYS A 57 6.57 -16.22 5.35
N THR A 58 6.89 -16.92 6.44
CA THR A 58 6.39 -16.58 7.75
C THR A 58 7.50 -16.78 8.77
N TYR A 59 7.44 -16.04 9.88
CA TYR A 59 8.35 -16.18 11.00
C TYR A 59 7.65 -16.81 12.20
N TYR A 60 6.45 -17.33 12.03
CA TYR A 60 5.59 -17.85 13.09
C TYR A 60 5.14 -19.27 12.73
N TYR A 61 4.33 -19.87 13.62
CA TYR A 61 3.95 -21.27 13.47
C TYR A 61 3.06 -21.50 12.25
N SER A 62 2.46 -20.46 11.70
CA SER A 62 1.66 -20.60 10.50
C SER A 62 1.92 -19.42 9.59
N SER A 63 1.69 -19.62 8.30
CA SER A 63 1.67 -18.51 7.36
C SER A 63 0.27 -17.94 7.17
N ARG A 64 -0.74 -18.54 7.81
CA ARG A 64 -2.10 -18.05 7.70
C ARG A 64 -2.25 -16.70 8.39
N ASP A 65 -3.14 -15.88 7.83
CA ASP A 65 -3.54 -14.63 8.46
C ASP A 65 -4.63 -14.95 9.48
N GLY A 66 -4.26 -15.00 10.76
CA GLY A 66 -5.24 -15.15 11.81
C GLY A 66 -5.79 -13.85 12.34
N ASN A 67 -5.46 -12.73 11.71
CA ASN A 67 -5.90 -11.41 12.14
C ASN A 67 -6.90 -10.78 11.19
N GLY A 68 -6.57 -10.69 9.90
CA GLY A 68 -7.38 -10.03 8.89
C GLY A 68 -6.70 -8.82 8.28
N HIS A 69 -5.85 -8.15 9.05
CA HIS A 69 -5.24 -6.89 8.60
C HIS A 69 -4.47 -7.09 7.29
N GLY A 70 -3.62 -8.11 7.23
CA GLY A 70 -2.85 -8.32 6.01
C GLY A 70 -3.71 -8.69 4.82
N THR A 71 -4.76 -9.48 5.06
CA THR A 71 -5.70 -9.82 4.00
C THR A 71 -6.42 -8.59 3.47
N HIS A 72 -6.79 -7.67 4.36
CA HIS A 72 -7.45 -6.45 3.95
C HIS A 72 -6.53 -5.60 3.09
N CYS A 73 -5.29 -5.40 3.55
CA CYS A 73 -4.32 -4.64 2.77
C CYS A 73 -4.06 -5.27 1.42
N ALA A 74 -3.86 -6.59 1.38
CA ALA A 74 -3.64 -7.28 0.10
C ALA A 74 -4.84 -7.09 -0.82
N GLY A 75 -6.04 -7.11 -0.27
CA GLY A 75 -7.23 -6.88 -1.08
C GLY A 75 -7.25 -5.52 -1.73
N THR A 76 -6.78 -4.49 -1.02
CA THR A 76 -6.72 -3.16 -1.60
C THR A 76 -5.65 -3.07 -2.68
N VAL A 77 -4.55 -3.80 -2.53
CA VAL A 77 -3.55 -3.84 -3.60
C VAL A 77 -4.14 -4.46 -4.86
N GLY A 78 -4.75 -5.65 -4.72
CA GLY A 78 -4.92 -6.49 -5.89
C GLY A 78 -6.11 -7.43 -5.96
N SER A 79 -7.10 -7.32 -5.08
CA SER A 79 -8.27 -8.17 -5.25
C SER A 79 -9.12 -7.71 -6.44
N ARG A 80 -9.94 -8.64 -6.94
CA ARG A 80 -10.73 -8.37 -8.13
C ARG A 80 -11.71 -7.22 -7.94
N THR A 81 -12.37 -7.16 -6.77
CA THR A 81 -13.35 -6.11 -6.51
C THR A 81 -12.76 -4.93 -5.75
N TYR A 82 -11.88 -5.19 -4.80
CA TYR A 82 -11.44 -4.16 -3.87
C TYR A 82 -10.05 -3.61 -4.21
N GLY A 83 -9.41 -4.10 -5.26
CA GLY A 83 -8.03 -3.80 -5.53
C GLY A 83 -7.77 -2.77 -6.61
N VAL A 84 -6.65 -2.08 -6.46
CA VAL A 84 -6.18 -1.10 -7.45
C VAL A 84 -5.63 -1.79 -8.69
N ALA A 85 -4.79 -2.82 -8.49
CA ALA A 85 -4.04 -3.49 -9.55
C ALA A 85 -4.57 -4.92 -9.61
N LYS A 86 -5.64 -5.09 -10.39
CA LYS A 86 -6.46 -6.29 -10.29
C LYS A 86 -5.83 -7.53 -10.94
N LYS A 87 -4.68 -7.39 -11.60
CA LYS A 87 -4.00 -8.53 -12.19
C LYS A 87 -2.57 -8.70 -11.67
N THR A 88 -2.19 -7.98 -10.63
CA THR A 88 -0.86 -8.18 -10.07
C THR A 88 -0.77 -9.51 -9.34
N GLN A 89 0.46 -9.98 -9.13
CA GLN A 89 0.71 -11.14 -8.28
C GLN A 89 1.02 -10.65 -6.88
N LEU A 90 0.42 -11.28 -5.88
CA LEU A 90 0.54 -10.87 -4.48
C LEU A 90 1.35 -11.91 -3.72
N PHE A 91 2.36 -11.46 -2.97
CA PHE A 91 3.20 -12.34 -2.18
C PHE A 91 3.13 -11.91 -0.72
N GLY A 92 2.69 -12.81 0.15
CA GLY A 92 2.58 -12.49 1.56
C GLY A 92 3.83 -12.87 2.34
N VAL A 93 4.25 -11.94 3.20
CA VAL A 93 5.37 -12.16 4.12
C VAL A 93 4.85 -11.84 5.52
N LYS A 94 4.73 -12.87 6.36
CA LYS A 94 4.09 -12.70 7.67
C LYS A 94 5.16 -12.36 8.71
N VAL A 95 5.33 -11.05 8.93
CA VAL A 95 6.22 -10.54 9.98
C VAL A 95 5.46 -10.15 11.23
N LEU A 96 4.13 -10.10 11.18
CA LEU A 96 3.32 -9.73 12.33
C LEU A 96 2.51 -10.95 12.77
N ASP A 97 2.40 -11.11 14.09
CA ASP A 97 1.62 -12.21 14.63
C ASP A 97 0.12 -11.96 14.45
N ASP A 98 -0.69 -12.91 14.93
CA ASP A 98 -2.13 -12.80 14.72
C ASP A 98 -2.79 -11.74 15.58
N ASN A 99 -2.07 -11.16 16.54
CA ASN A 99 -2.53 -9.97 17.23
C ASN A 99 -2.08 -8.68 16.55
N GLY A 100 -1.39 -8.78 15.43
CA GLY A 100 -0.92 -7.60 14.72
C GLY A 100 0.40 -7.04 15.20
N SER A 101 1.13 -7.75 16.05
CA SER A 101 2.37 -7.26 16.64
C SER A 101 3.57 -8.01 16.06
N GLY A 102 4.71 -7.33 16.04
CA GLY A 102 5.93 -7.96 15.58
C GLY A 102 7.17 -7.25 16.08
N GLN A 103 8.22 -8.03 16.34
CA GLN A 103 9.49 -7.45 16.75
C GLN A 103 10.18 -6.79 15.57
N TYR A 104 10.85 -5.67 15.83
CA TYR A 104 11.58 -4.99 14.77
C TYR A 104 12.60 -5.91 14.10
N SER A 105 13.23 -6.81 14.86
CA SER A 105 14.20 -7.71 14.26
C SER A 105 13.54 -8.62 13.22
N THR A 106 12.32 -9.07 13.48
CA THR A 106 11.60 -9.88 12.52
C THR A 106 11.17 -9.06 11.30
N ILE A 107 10.72 -7.83 11.55
CA ILE A 107 10.32 -6.96 10.45
C ILE A 107 11.51 -6.66 9.53
N ILE A 108 12.68 -6.40 10.12
CA ILE A 108 13.90 -6.16 9.34
C ILE A 108 14.25 -7.39 8.52
N ALA A 109 14.21 -8.57 9.14
CA ALA A 109 14.46 -9.81 8.41
C ALA A 109 13.50 -9.96 7.24
N GLY A 110 12.23 -9.59 7.44
CA GLY A 110 11.27 -9.70 6.36
C GLY A 110 11.56 -8.77 5.19
N MET A 111 12.03 -7.56 5.47
CA MET A 111 12.41 -6.64 4.40
C MET A 111 13.60 -7.17 3.63
N ASP A 112 14.63 -7.64 4.34
CA ASP A 112 15.77 -8.20 3.63
C ASP A 112 15.37 -9.46 2.86
N PHE A 113 14.41 -10.22 3.38
CA PHE A 113 13.90 -11.38 2.66
C PHE A 113 13.34 -10.96 1.30
N VAL A 114 12.51 -9.91 1.28
CA VAL A 114 11.91 -9.47 0.02
C VAL A 114 12.97 -9.01 -0.97
N ALA A 115 13.97 -8.28 -0.48
CA ALA A 115 15.01 -7.79 -1.39
C ALA A 115 15.70 -8.94 -2.12
N SER A 116 15.86 -10.08 -1.46
CA SER A 116 16.43 -11.25 -2.11
C SER A 116 15.39 -12.08 -2.85
N ASP A 117 14.23 -12.27 -2.23
CA ASP A 117 13.22 -13.19 -2.75
C ASP A 117 12.70 -12.76 -4.10
N LYS A 118 12.71 -11.46 -4.41
CA LYS A 118 12.23 -11.05 -5.71
C LYS A 118 13.01 -11.71 -6.84
N ASN A 119 14.26 -12.10 -6.58
CA ASN A 119 15.06 -12.79 -7.59
C ASN A 119 14.60 -14.23 -7.81
N ASN A 120 13.67 -14.72 -7.00
CA ASN A 120 13.05 -16.03 -7.16
C ASN A 120 11.65 -15.95 -7.76
N ARG A 121 11.23 -14.76 -8.19
CA ARG A 121 9.88 -14.54 -8.68
C ARG A 121 9.94 -13.94 -10.08
N ASN A 122 8.85 -14.12 -10.81
CA ASN A 122 8.71 -13.56 -12.16
C ASN A 122 7.88 -12.29 -12.11
N CYS A 123 8.56 -11.16 -12.24
CA CYS A 123 7.95 -9.83 -12.10
C CYS A 123 8.54 -8.92 -13.16
N PRO A 124 8.31 -9.26 -14.44
CA PRO A 124 8.98 -8.50 -15.51
C PRO A 124 8.65 -7.01 -15.51
N LYS A 125 7.47 -6.63 -15.01
CA LYS A 125 7.10 -5.21 -14.97
C LYS A 125 7.54 -4.49 -13.72
N GLY A 126 8.05 -5.21 -12.72
CA GLY A 126 8.57 -4.57 -11.53
C GLY A 126 7.96 -5.11 -10.25
N VAL A 127 8.55 -4.67 -9.14
CA VAL A 127 8.29 -5.21 -7.81
C VAL A 127 8.00 -4.05 -6.86
N VAL A 128 6.96 -4.24 -6.04
CA VAL A 128 6.52 -3.28 -5.04
C VAL A 128 6.44 -4.01 -3.71
N ALA A 129 6.63 -3.27 -2.62
CA ALA A 129 6.40 -3.79 -1.28
C ALA A 129 5.54 -2.81 -0.51
N SER A 130 4.50 -3.33 0.13
CA SER A 130 3.54 -2.54 0.91
C SER A 130 3.73 -2.89 2.38
N LEU A 131 4.04 -1.88 3.20
CA LEU A 131 4.37 -2.05 4.61
C LEU A 131 3.38 -1.24 5.45
N SER A 132 2.26 -1.85 5.80
CA SER A 132 1.25 -1.21 6.63
C SER A 132 1.54 -1.54 8.10
N LEU A 133 2.67 -1.01 8.58
CA LEU A 133 3.15 -1.29 9.93
C LEU A 133 4.11 -0.19 10.32
N GLY A 134 4.44 -0.17 11.60
CA GLY A 134 5.43 0.77 12.10
C GLY A 134 5.37 0.91 13.60
N GLY A 135 6.42 1.51 14.13
CA GLY A 135 6.50 1.85 15.55
C GLY A 135 7.37 3.08 15.70
N GLY A 136 8.00 3.22 16.88
CA GLY A 136 8.82 4.38 17.14
C GLY A 136 10.10 4.38 16.30
N TYR A 137 10.76 5.55 16.29
CA TYR A 137 11.93 5.73 15.44
C TYR A 137 12.99 4.66 15.70
N SER A 138 13.49 4.08 14.62
CA SER A 138 14.60 3.12 14.68
C SER A 138 15.45 3.31 13.44
N SER A 139 16.72 3.66 13.63
CA SER A 139 17.59 3.79 12.47
C SER A 139 17.75 2.45 11.75
N SER A 140 17.74 1.34 12.47
CA SER A 140 17.90 0.03 11.84
C SER A 140 16.69 -0.33 10.99
N VAL A 141 15.49 -0.02 11.47
CA VAL A 141 14.29 -0.26 10.66
C VAL A 141 14.31 0.61 9.41
N ASN A 142 14.67 1.89 9.57
CA ASN A 142 14.74 2.78 8.41
C ASN A 142 15.76 2.27 7.40
N SER A 143 16.92 1.81 7.89
CA SER A 143 17.96 1.35 6.98
C SER A 143 17.52 0.10 6.22
N ALA A 144 16.76 -0.78 6.87
CA ALA A 144 16.23 -1.95 6.18
C ALA A 144 15.28 -1.55 5.07
N ALA A 145 14.41 -0.57 5.33
CA ALA A 145 13.51 -0.08 4.28
C ALA A 145 14.30 0.56 3.16
N ALA A 146 15.36 1.30 3.51
CA ALA A 146 16.20 1.92 2.49
C ALA A 146 16.90 0.88 1.64
N ARG A 147 17.38 -0.21 2.26
CA ARG A 147 17.99 -1.28 1.49
C ARG A 147 17.00 -1.92 0.52
N LEU A 148 15.78 -2.17 1.00
CA LEU A 148 14.78 -2.80 0.15
C LEU A 148 14.51 -1.93 -1.07
N GLN A 149 14.35 -0.62 -0.85
CA GLN A 149 14.16 0.32 -1.95
C GLN A 149 15.36 0.32 -2.88
N SER A 150 16.57 0.41 -2.32
CA SER A 150 17.78 0.43 -3.13
C SER A 150 17.91 -0.82 -4.01
N SER A 151 17.42 -1.95 -3.52
CA SER A 151 17.52 -3.21 -4.26
C SER A 151 16.62 -3.26 -5.49
N GLY A 152 15.76 -2.26 -5.69
CA GLY A 152 14.91 -2.24 -6.87
C GLY A 152 13.45 -2.54 -6.61
N VAL A 153 12.99 -2.29 -5.38
CA VAL A 153 11.60 -2.50 -4.99
C VAL A 153 11.00 -1.15 -4.65
N MET A 154 9.81 -0.87 -5.18
CA MET A 154 9.09 0.34 -4.79
C MET A 154 8.51 0.10 -3.40
N VAL A 155 9.04 0.77 -2.39
CA VAL A 155 8.60 0.57 -1.01
C VAL A 155 7.60 1.66 -0.63
N ALA A 156 6.40 1.24 -0.24
CA ALA A 156 5.36 2.13 0.27
C ALA A 156 5.11 1.77 1.72
N VAL A 157 5.15 2.77 2.61
CA VAL A 157 5.00 2.54 4.05
C VAL A 157 3.94 3.47 4.62
N ALA A 158 3.25 2.98 5.64
CA ALA A 158 2.23 3.77 6.32
C ALA A 158 2.86 4.91 7.14
N ALA A 159 2.23 6.08 7.11
CA ALA A 159 2.73 7.20 7.90
C ALA A 159 2.54 6.97 9.39
N GLY A 160 1.52 6.22 9.77
CA GLY A 160 1.16 5.99 11.15
C GLY A 160 -0.13 6.71 11.53
N ASN A 161 -0.74 6.24 12.62
CA ASN A 161 -2.06 6.68 13.04
C ASN A 161 -2.06 7.46 14.35
N ASN A 162 -1.02 8.25 14.58
CA ASN A 162 -0.84 8.97 15.83
C ASN A 162 -1.26 10.43 15.78
N ASN A 163 -1.80 10.90 14.65
CA ASN A 163 -2.08 12.32 14.47
C ASN A 163 -0.89 13.18 14.93
N ALA A 164 0.30 12.79 14.46
CA ALA A 164 1.54 13.41 14.90
C ALA A 164 2.51 13.47 13.73
N ASP A 165 3.65 14.13 13.95
CA ASP A 165 4.67 14.20 12.92
C ASP A 165 5.31 12.83 12.74
N ALA A 166 5.28 12.32 11.50
CA ALA A 166 5.80 10.99 11.20
C ALA A 166 7.31 10.90 11.34
N ARG A 167 8.02 12.01 11.58
CA ARG A 167 9.47 11.95 11.75
C ARG A 167 9.87 11.07 12.93
N ASN A 168 8.97 10.83 13.87
CA ASN A 168 9.27 10.05 15.06
C ASN A 168 8.86 8.59 14.95
N TYR A 169 8.57 8.11 13.74
CA TYR A 169 8.11 6.74 13.55
C TYR A 169 8.89 6.09 12.43
N SER A 170 8.98 4.76 12.49
CA SER A 170 9.73 4.00 11.51
C SER A 170 8.89 2.82 11.03
N PRO A 171 8.97 2.47 9.74
CA PRO A 171 9.81 3.07 8.70
C PRO A 171 9.29 4.37 8.07
N ALA A 172 8.20 4.95 8.62
CA ALA A 172 7.62 6.17 8.05
C ALA A 172 8.67 7.26 7.82
N SER A 173 9.63 7.40 8.73
CA SER A 173 10.57 8.51 8.67
C SER A 173 11.73 8.28 7.73
N GLU A 174 11.82 7.13 7.07
CA GLU A 174 12.93 6.89 6.13
C GLU A 174 12.73 7.73 4.88
N PRO A 175 13.67 8.62 4.52
CA PRO A 175 13.42 9.51 3.39
C PRO A 175 13.29 8.82 2.05
N SER A 176 13.98 7.71 1.83
CA SER A 176 14.07 7.14 0.49
C SER A 176 12.88 6.26 0.10
N VAL A 177 11.96 5.97 1.01
CA VAL A 177 10.77 5.19 0.70
C VAL A 177 9.56 6.14 0.57
N CYS A 178 8.43 5.59 0.17
CA CYS A 178 7.22 6.37 -0.08
C CYS A 178 6.33 6.32 1.14
N THR A 179 6.24 7.43 1.88
CA THR A 179 5.49 7.48 3.13
C THR A 179 4.08 8.02 2.87
N VAL A 180 3.07 7.25 3.24
CA VAL A 180 1.70 7.45 2.79
C VAL A 180 0.81 7.86 3.96
N GLY A 181 0.20 9.06 3.86
CA GLY A 181 -0.83 9.48 4.78
C GLY A 181 -2.22 9.08 4.28
N ALA A 182 -3.23 9.29 5.14
CA ALA A 182 -4.59 8.84 4.86
C ALA A 182 -5.55 10.02 4.72
N SER A 183 -6.49 9.89 3.77
CA SER A 183 -7.56 10.86 3.56
C SER A 183 -8.91 10.15 3.60
N ASP A 184 -9.98 10.94 3.70
CA ASP A 184 -11.34 10.43 3.73
C ASP A 184 -12.10 10.79 2.45
N ARG A 185 -13.34 10.31 2.36
CA ARG A 185 -14.11 10.42 1.12
C ARG A 185 -14.49 11.85 0.79
N TYR A 186 -14.34 12.77 1.73
CA TYR A 186 -14.59 14.19 1.51
C TYR A 186 -13.30 14.97 1.30
N ASP A 187 -12.20 14.28 1.02
CA ASP A 187 -10.92 14.91 0.75
C ASP A 187 -10.40 15.68 1.96
N ARG A 188 -10.65 15.14 3.15
CA ARG A 188 -10.06 15.67 4.37
C ARG A 188 -8.97 14.71 4.82
N ARG A 189 -7.87 15.24 5.35
CA ARG A 189 -6.91 14.39 6.05
C ARG A 189 -7.66 13.58 7.09
N SER A 190 -7.42 12.26 7.12
CA SER A 190 -8.04 11.42 8.12
C SER A 190 -7.60 11.88 9.50
N SER A 191 -8.53 11.81 10.46
CA SER A 191 -8.30 12.41 11.78
C SER A 191 -7.09 11.81 12.49
N PHE A 192 -6.78 10.54 12.23
CA PHE A 192 -5.68 9.84 12.87
C PHE A 192 -4.38 9.92 12.08
N SER A 193 -4.40 10.45 10.85
CA SER A 193 -3.22 10.32 9.99
C SER A 193 -2.07 11.15 10.52
N ASN A 194 -0.89 10.54 10.59
CA ASN A 194 0.31 11.33 10.80
C ASN A 194 0.53 12.26 9.61
N TYR A 195 1.43 13.21 9.82
CA TYR A 195 1.70 14.29 8.86
C TYR A 195 3.18 14.64 8.97
N GLY A 196 3.59 15.71 8.31
CA GLY A 196 4.94 16.20 8.39
C GLY A 196 5.66 16.13 7.06
N SER A 197 6.86 16.71 7.06
CA SER A 197 7.67 16.82 5.85
C SER A 197 8.03 15.46 5.24
N VAL A 198 8.09 14.40 6.06
CA VAL A 198 8.48 13.10 5.53
C VAL A 198 7.40 12.43 4.69
N LEU A 199 6.15 12.87 4.79
CA LEU A 199 5.11 12.30 3.95
C LEU A 199 5.37 12.65 2.48
N ASP A 200 5.11 11.69 1.60
CA ASP A 200 5.23 11.89 0.17
C ASP A 200 3.90 12.04 -0.54
N ILE A 201 2.83 11.49 0.02
CA ILE A 201 1.60 11.30 -0.72
C ILE A 201 0.51 10.91 0.28
N PHE A 202 -0.74 11.22 -0.06
CA PHE A 202 -1.91 10.71 0.64
C PHE A 202 -2.67 9.75 -0.26
N GLY A 203 -3.30 8.77 0.37
CA GLY A 203 -4.24 7.89 -0.29
C GLY A 203 -5.46 7.65 0.57
N PRO A 204 -6.52 7.07 -0.01
CA PRO A 204 -7.74 6.81 0.75
C PRO A 204 -7.49 5.90 1.94
N GLY A 205 -7.92 6.33 3.12
CA GLY A 205 -7.66 5.57 4.33
C GLY A 205 -8.77 5.49 5.34
N THR A 206 -9.87 6.23 5.16
CA THR A 206 -10.99 6.17 6.09
C THR A 206 -12.13 5.39 5.46
N ASP A 207 -12.63 4.37 6.16
CA ASP A 207 -13.77 3.56 5.74
C ASP A 207 -13.51 2.88 4.40
N ILE A 208 -12.48 2.03 4.38
CA ILE A 208 -12.02 1.33 3.18
C ILE A 208 -12.53 -0.11 3.23
N LEU A 209 -13.39 -0.45 2.28
CA LEU A 209 -13.89 -1.82 2.12
C LEU A 209 -12.86 -2.68 1.40
N SER A 210 -12.60 -3.86 1.96
CA SER A 210 -11.68 -4.81 1.34
C SER A 210 -11.96 -6.20 1.89
N THR A 211 -11.14 -7.15 1.44
CA THR A 211 -11.23 -8.54 1.86
C THR A 211 -10.89 -8.71 3.35
N TRP A 212 -11.44 -9.77 3.93
CA TRP A 212 -11.14 -10.14 5.31
C TRP A 212 -11.06 -11.65 5.38
N ILE A 213 -10.54 -12.14 6.50
CA ILE A 213 -10.40 -13.59 6.69
C ILE A 213 -11.77 -14.26 6.81
N GLY A 214 -11.77 -15.58 6.64
CA GLY A 214 -13.03 -16.31 6.55
C GLY A 214 -13.79 -16.04 5.28
N GLY A 215 -13.09 -15.65 4.21
CA GLY A 215 -13.75 -15.39 2.94
C GLY A 215 -14.74 -14.23 2.99
N SER A 216 -14.49 -13.25 3.85
CA SER A 216 -15.43 -12.18 4.13
C SER A 216 -14.90 -10.84 3.61
N THR A 217 -15.60 -9.77 3.95
CA THR A 217 -15.19 -8.40 3.65
C THR A 217 -15.54 -7.52 4.82
N ARG A 218 -14.83 -6.41 4.97
CA ARG A 218 -15.23 -5.39 5.94
C ARG A 218 -14.55 -4.08 5.61
N SER A 219 -15.06 -3.02 6.22
CA SER A 219 -14.55 -1.67 6.04
C SER A 219 -13.84 -1.27 7.33
N ILE A 220 -12.57 -0.88 7.20
CA ILE A 220 -11.76 -0.39 8.32
C ILE A 220 -10.97 0.83 7.86
N SER A 221 -10.33 1.50 8.82
CA SER A 221 -9.64 2.76 8.58
C SER A 221 -8.22 2.72 9.10
N GLY A 222 -7.33 3.43 8.43
CA GLY A 222 -5.97 3.58 8.89
C GLY A 222 -5.05 4.03 7.78
N THR A 223 -3.86 4.51 8.15
CA THR A 223 -2.84 4.68 7.13
C THR A 223 -2.41 3.33 6.57
N SER A 224 -2.70 2.24 7.29
CA SER A 224 -2.52 0.89 6.76
C SER A 224 -3.37 0.65 5.51
N MET A 225 -4.50 1.33 5.38
CA MET A 225 -5.39 1.18 4.24
C MET A 225 -4.98 2.10 3.08
N ALA A 226 -4.39 3.25 3.40
CA ALA A 226 -3.93 4.16 2.35
C ALA A 226 -2.71 3.61 1.63
N THR A 227 -1.80 3.00 2.39
CA THR A 227 -0.55 2.48 1.85
C THR A 227 -0.76 1.52 0.69
N PRO A 228 -1.64 0.50 0.78
CA PRO A 228 -1.82 -0.41 -0.34
C PRO A 228 -2.48 0.24 -1.55
N HIS A 229 -3.24 1.32 -1.40
CA HIS A 229 -3.70 2.06 -2.57
C HIS A 229 -2.50 2.54 -3.38
N VAL A 230 -1.51 3.12 -2.69
CA VAL A 230 -0.31 3.62 -3.35
C VAL A 230 0.55 2.49 -3.90
N ALA A 231 0.70 1.40 -3.14
CA ALA A 231 1.45 0.26 -3.63
C ALA A 231 0.82 -0.32 -4.89
N GLY A 232 -0.50 -0.51 -4.87
CA GLY A 232 -1.18 -1.01 -6.06
C GLY A 232 -1.08 -0.03 -7.22
N LEU A 233 -1.18 1.28 -6.94
CA LEU A 233 -1.02 2.27 -7.99
C LEU A 233 0.36 2.18 -8.63
N ALA A 234 1.41 2.03 -7.80
CA ALA A 234 2.75 1.89 -8.33
C ALA A 234 2.86 0.68 -9.25
N ALA A 235 2.33 -0.47 -8.82
CA ALA A 235 2.39 -1.65 -9.65
C ALA A 235 1.68 -1.43 -10.98
N TYR A 236 0.51 -0.80 -10.93
CA TYR A 236 -0.27 -0.47 -12.12
C TYR A 236 0.53 0.43 -13.06
N LEU A 237 1.17 1.48 -12.51
CA LEU A 237 1.92 2.41 -13.36
C LEU A 237 3.18 1.78 -13.92
N MET A 238 3.84 0.91 -13.15
CA MET A 238 5.00 0.18 -13.65
C MET A 238 4.62 -0.76 -14.79
N THR A 239 3.51 -1.47 -14.65
CA THR A 239 3.05 -2.31 -15.77
C THR A 239 2.79 -1.49 -17.02
N LEU A 240 2.24 -0.28 -16.85
CA LEU A 240 2.02 0.60 -17.99
C LEU A 240 3.31 1.16 -18.57
N GLY A 241 4.44 0.97 -17.91
CA GLY A 241 5.69 1.53 -18.39
C GLY A 241 5.87 3.01 -18.11
N LYS A 242 5.06 3.58 -17.23
CA LYS A 242 5.15 5.03 -17.01
C LYS A 242 6.24 5.41 -16.02
N THR A 243 6.68 4.47 -15.19
CA THR A 243 7.67 4.76 -14.17
C THR A 243 8.34 3.43 -13.78
N THR A 244 9.31 3.53 -12.86
CA THR A 244 10.11 2.42 -12.41
C THR A 244 10.03 2.36 -10.89
N ALA A 245 10.55 1.28 -10.31
CA ALA A 245 10.52 1.17 -8.85
C ALA A 245 11.29 2.32 -8.20
N ALA A 246 12.39 2.74 -8.80
CA ALA A 246 13.22 3.77 -8.18
C ALA A 246 12.54 5.13 -8.20
N SER A 247 11.67 5.38 -9.18
CA SER A 247 11.11 6.71 -9.36
C SER A 247 9.60 6.76 -9.15
N ALA A 248 8.96 5.66 -8.79
CA ALA A 248 7.50 5.61 -8.78
C ALA A 248 6.91 6.55 -7.73
N CYS A 249 7.55 6.64 -6.55
CA CYS A 249 7.02 7.55 -5.54
C CYS A 249 7.02 8.99 -6.05
N ARG A 250 8.13 9.40 -6.67
CA ARG A 250 8.22 10.76 -7.15
C ARG A 250 7.27 10.99 -8.32
N TYR A 251 7.09 9.98 -9.16
CA TYR A 251 6.12 10.07 -10.25
C TYR A 251 4.70 10.21 -9.73
N ILE A 252 4.35 9.42 -8.72
CA ILE A 252 3.02 9.52 -8.12
C ILE A 252 2.81 10.90 -7.53
N ALA A 253 3.82 11.43 -6.84
CA ALA A 253 3.70 12.78 -6.29
C ALA A 253 3.57 13.82 -7.40
N ASP A 254 4.36 13.69 -8.47
CA ASP A 254 4.31 14.67 -9.55
C ASP A 254 2.96 14.66 -10.26
N THR A 255 2.32 13.49 -10.37
CA THR A 255 1.08 13.34 -11.11
C THR A 255 -0.15 13.35 -10.21
N ALA A 256 0.03 13.64 -8.92
CA ALA A 256 -1.07 13.59 -7.96
C ALA A 256 -2.06 14.72 -8.21
N ASN A 257 -3.27 14.54 -7.67
CA ASN A 257 -4.17 15.67 -7.49
C ASN A 257 -3.59 16.57 -6.41
N LYS A 258 -3.44 17.85 -6.71
CA LYS A 258 -2.67 18.77 -5.88
C LYS A 258 -3.58 19.85 -5.28
N GLY A 259 -3.41 20.09 -3.98
CA GLY A 259 -4.11 21.17 -3.32
C GLY A 259 -5.57 20.91 -3.04
N ASP A 260 -6.03 19.66 -3.15
CA ASP A 260 -7.45 19.35 -3.02
C ASP A 260 -7.83 18.83 -1.64
N LEU A 261 -6.88 18.55 -0.76
CA LEU A 261 -7.19 18.05 0.56
C LEU A 261 -7.31 19.18 1.56
N SER A 262 -8.21 19.00 2.52
CA SER A 262 -8.36 19.90 3.65
C SER A 262 -7.71 19.30 4.89
N ASN A 263 -7.55 20.16 5.90
CA ASN A 263 -6.87 19.88 7.16
C ASN A 263 -5.50 19.25 7.01
N ILE A 264 -4.76 19.78 6.05
CA ILE A 264 -3.35 19.45 5.88
C ILE A 264 -2.54 20.53 6.61
N PRO A 265 -1.72 20.17 7.59
CA PRO A 265 -0.95 21.20 8.29
C PRO A 265 0.08 21.82 7.37
N PHE A 266 0.37 23.10 7.65
CA PHE A 266 1.42 23.81 6.93
C PHE A 266 2.70 22.99 6.95
N GLY A 267 3.31 22.81 5.79
CA GLY A 267 4.54 22.06 5.67
C GLY A 267 4.40 20.60 5.28
N THR A 268 3.17 20.08 5.19
CA THR A 268 2.91 18.73 4.73
C THR A 268 2.38 18.81 3.30
N VAL A 269 2.80 17.86 2.44
CA VAL A 269 2.35 17.91 1.06
C VAL A 269 0.84 17.79 0.99
N ASN A 270 0.25 18.48 0.02
CA ASN A 270 -1.17 18.38 -0.28
C ASN A 270 -1.28 17.67 -1.63
N LEU A 271 -1.10 16.35 -1.61
CA LEU A 271 -1.00 15.52 -2.80
C LEU A 271 -1.78 14.25 -2.57
N LEU A 272 -2.69 13.94 -3.49
CA LEU A 272 -3.56 12.78 -3.38
C LEU A 272 -3.33 11.88 -4.59
N ALA A 273 -3.03 10.60 -4.32
CA ALA A 273 -2.67 9.65 -5.36
C ALA A 273 -3.73 9.59 -6.44
N TYR A 274 -3.29 9.57 -7.70
CA TYR A 274 -4.18 9.69 -8.85
C TYR A 274 -3.55 8.96 -10.03
N ASN A 275 -4.33 8.11 -10.71
CA ASN A 275 -3.79 7.32 -11.81
C ASN A 275 -3.75 8.05 -13.14
N ASN A 276 -4.35 9.24 -13.25
CA ASN A 276 -4.37 10.00 -14.50
C ASN A 276 -4.85 9.16 -15.69
N TYR A 277 -5.74 8.21 -15.45
CA TYR A 277 -6.23 7.39 -16.54
C TYR A 277 -7.32 8.16 -17.29
N GLN A 278 -7.14 8.28 -18.61
CA GLN A 278 -8.17 8.87 -19.45
C GLN A 278 -8.86 7.75 -20.19
N ALA A 279 -10.09 7.45 -19.82
CA ALA A 279 -10.83 6.36 -20.45
C ALA A 279 -11.03 6.62 -21.95
#